data_5L2N
#
_entry.id   5L2N
#
_cell.length_a   108.940
_cell.length_b   108.940
_cell.length_c   83.189
_cell.angle_alpha   90.000
_cell.angle_beta   90.000
_cell.angle_gamma   90.000
#
_symmetry.space_group_name_H-M   'P 4 2 2'
#
loop_
_entity.id
_entity.type
_entity.pdbx_description
1 polymer 'Retinal dehydrogenase 1'
2 non-polymer 'YTTERBIUM (III) ION'
3 non-polymer '3-benzyl-4-methyl-2-oxo-2H-1-benzopyran-7-yl methanesulfonate'
4 non-polymer 'CHLORIDE ION'
5 water water
#
_entity_poly.entity_id   1
_entity_poly.type   'polypeptide(L)'
_entity_poly.pdbx_seq_one_letter_code
;MSSSGTPDLPVLLTDLKIQYTKIFINNEWHDSVSGKKFPVFNPATEEELCQVEEGDKEDVDKAVKAARQAFQIGSPWRTM
DASERGRLLYKLADLIERDRLLLATMESMNGGKLYSNAYLNDLAGCIKTLRYCAGWADKIQGRTIPIDGNFFTYTRHEPI
GVCGQIIPWNFPLVMLIWKIGPALSCGNTVVVKPAEQTPLTALHVASLIKEAGFPPGVVNIVPGYGPTAGAAISSHMDID
KVAFTGSTEVGKLIKEAAGKSNLKRVTLELGGKSPCIVLADADLDNAVEFAHHGVFYHQGQC(CSO)IAASRIFVEESIY
DEFVRRSVERAKKYILGNPLTPGVTQGPQIDKEQYDKILDLIESGKKEGAKLECGGGPWGNKGYFVQPTVFSNVTDEMRI
AKEEIFGPVQQIMKFKSLDDVIKRANNTFYGLSAGVFTKDIDKAITISSALQAGTVWVNCYGVVSAQCPFGGFKMSGNGR
ELGEYGFHEYTEVKTVTVKISQKNS
;
_entity_poly.pdbx_strand_id   A
#
loop_
_chem_comp.id
_chem_comp.type
_chem_comp.name
_chem_comp.formula
6ZU non-polymer '3-benzyl-4-methyl-2-oxo-2H-1-benzopyran-7-yl methanesulfonate' 'C18 H16 O5 S'
CL non-polymer 'CHLORIDE ION' 'Cl -1'
YB non-polymer 'YTTERBIUM (III) ION' 'Yb 3'
#
# COMPACT_ATOMS: atom_id res chain seq x y z
N ASP A 8 4.23 -2.96 25.47
CA ASP A 8 5.44 -2.10 25.67
C ASP A 8 5.60 -1.11 24.53
N LEU A 9 5.53 0.18 24.85
CA LEU A 9 5.82 1.20 23.86
C LEU A 9 7.04 1.96 24.30
N PRO A 10 8.24 1.48 23.87
CA PRO A 10 9.49 2.19 24.15
C PRO A 10 9.61 3.35 23.17
N VAL A 11 10.52 4.28 23.46
CA VAL A 11 10.74 5.42 22.58
C VAL A 11 12.22 5.74 22.42
N LEU A 12 12.50 6.62 21.47
CA LEU A 12 13.83 7.14 21.20
C LEU A 12 14.28 8.08 22.34
N LEU A 13 15.54 8.03 22.68
CA LEU A 13 16.11 8.83 23.76
C LEU A 13 16.66 10.16 23.27
N THR A 14 17.01 10.23 22.00
CA THR A 14 17.62 11.42 21.43
C THR A 14 16.79 12.00 20.29
N ASP A 15 16.84 13.32 20.14
CA ASP A 15 16.33 13.98 18.94
C ASP A 15 16.72 13.18 17.69
N LEU A 16 15.78 13.02 16.78
CA LEU A 16 16.06 12.34 15.54
C LEU A 16 16.87 13.30 14.67
N LYS A 17 17.91 12.79 14.03
CA LYS A 17 18.70 13.60 13.07
C LYS A 17 18.48 13.05 11.68
N ILE A 18 18.11 13.89 10.73
CA ILE A 18 17.97 13.43 9.37
C ILE A 18 19.36 13.34 8.73
N GLN A 19 19.78 12.12 8.42
CA GLN A 19 21.09 11.84 7.84
C GLN A 19 20.99 11.61 6.33
N TYR A 20 20.09 10.71 5.93
CA TYR A 20 20.02 10.30 4.53
C TYR A 20 18.99 11.10 3.73
N THR A 21 19.47 11.88 2.77
CA THR A 21 18.69 12.79 1.96
C THR A 21 19.07 12.80 0.47
N LYS A 22 19.89 11.87 0.01
CA LYS A 22 20.32 11.89 -1.38
C LYS A 22 19.69 10.76 -2.19
N ILE A 23 19.87 10.84 -3.49
CA ILE A 23 19.46 9.77 -4.42
C ILE A 23 20.38 8.55 -4.25
N PHE A 24 19.81 7.34 -4.22
CA PHE A 24 20.57 6.12 -3.97
C PHE A 24 20.68 5.31 -5.26
N ILE A 25 21.88 5.20 -5.81
CA ILE A 25 22.15 4.43 -7.06
C ILE A 25 23.52 3.75 -6.91
N ASN A 26 23.58 2.46 -7.26
CA ASN A 26 24.81 1.65 -7.15
C ASN A 26 25.45 1.68 -5.77
N ASN A 27 24.59 1.63 -4.74
CA ASN A 27 25.01 1.70 -3.33
C ASN A 27 25.85 2.93 -2.99
N GLU A 28 25.51 4.07 -3.58
CA GLU A 28 26.19 5.34 -3.28
C GLU A 28 25.16 6.46 -3.43
N TRP A 29 25.50 7.59 -2.80
CA TRP A 29 24.61 8.72 -2.66
C TRP A 29 24.88 9.76 -3.73
N HIS A 30 23.86 10.12 -4.51
CA HIS A 30 24.01 11.05 -5.62
C HIS A 30 23.22 12.32 -5.35
N ASP A 31 23.83 13.47 -5.66
CA ASP A 31 23.08 14.71 -5.84
C ASP A 31 22.33 14.55 -7.15
N SER A 32 21.26 15.31 -7.32
CA SER A 32 20.48 15.33 -8.56
C SER A 32 21.30 15.88 -9.73
N VAL A 33 20.94 15.45 -10.93
CA VAL A 33 21.58 15.92 -12.16
C VAL A 33 21.34 17.43 -12.35
N SER A 34 20.20 17.91 -11.89
CA SER A 34 19.89 19.35 -11.91
C SER A 34 20.62 20.11 -10.79
N GLY A 35 20.75 19.46 -9.64
CA GLY A 35 21.24 20.09 -8.44
C GLY A 35 20.09 20.65 -7.60
N LYS A 36 18.88 20.63 -8.14
CA LYS A 36 17.69 21.03 -7.40
C LYS A 36 17.43 20.09 -6.23
N LYS A 37 16.98 20.66 -5.11
CA LYS A 37 16.44 19.90 -4.00
C LYS A 37 14.98 20.34 -3.79
N PHE A 38 14.25 19.61 -2.95
CA PHE A 38 12.85 19.91 -2.66
C PHE A 38 12.54 19.70 -1.18
N PRO A 39 11.64 20.51 -0.62
CA PRO A 39 11.41 20.44 0.82
C PRO A 39 10.54 19.27 1.28
N VAL A 40 10.76 18.83 2.51
CA VAL A 40 9.92 17.79 3.12
C VAL A 40 9.36 18.30 4.44
N PHE A 41 8.04 18.21 4.59
CA PHE A 41 7.35 18.85 5.71
C PHE A 41 6.82 17.87 6.73
N ASN A 42 6.59 18.38 7.93
CA ASN A 42 5.79 17.68 8.94
C ASN A 42 4.30 18.08 8.81
N PRO A 43 3.43 17.13 8.44
CA PRO A 43 2.01 17.48 8.28
C PRO A 43 1.31 17.98 9.55
N ALA A 44 1.90 17.72 10.72
CA ALA A 44 1.29 18.11 11.98
C ALA A 44 1.69 19.53 12.40
N THR A 45 2.85 19.99 11.95
CA THR A 45 3.28 21.38 12.24
C THR A 45 3.26 22.32 11.02
N GLU A 46 3.35 21.74 9.82
CA GLU A 46 3.48 22.45 8.55
C GLU A 46 4.85 23.10 8.43
N GLU A 47 5.78 22.62 9.25
CA GLU A 47 7.15 23.06 9.23
C GLU A 47 8.00 22.15 8.32
N GLU A 48 9.01 22.75 7.71
CA GLU A 48 9.94 22.01 6.88
C GLU A 48 10.81 21.22 7.83
N LEU A 49 11.00 19.94 7.50
CA LEU A 49 11.87 19.05 8.26
C LEU A 49 13.27 19.02 7.68
N CYS A 50 13.37 19.13 6.36
CA CYS A 50 14.64 19.12 5.62
C CYS A 50 14.38 19.36 4.14
N GLN A 51 15.47 19.32 3.36
CA GLN A 51 15.41 19.23 1.91
C GLN A 51 16.00 17.91 1.44
N VAL A 52 15.55 17.42 0.29
CA VAL A 52 15.95 16.12 -0.25
C VAL A 52 16.31 16.32 -1.72
N GLU A 53 17.28 15.57 -2.24
CA GLU A 53 17.67 15.73 -3.63
C GLU A 53 16.46 15.42 -4.51
N GLU A 54 16.24 16.23 -5.52
CA GLU A 54 15.09 16.06 -6.38
C GLU A 54 15.41 15.32 -7.66
N GLY A 55 14.88 14.09 -7.76
CA GLY A 55 15.05 13.26 -8.94
C GLY A 55 14.13 13.62 -10.09
N ASP A 56 14.65 13.49 -11.30
CA ASP A 56 13.92 13.76 -12.53
C ASP A 56 14.22 12.63 -13.53
N LYS A 57 13.70 12.73 -14.76
CA LYS A 57 13.95 11.74 -15.84
C LYS A 57 15.43 11.45 -16.00
N GLU A 58 16.23 12.51 -15.93
CA GLU A 58 17.68 12.42 -16.10
C GLU A 58 18.26 11.45 -14.99
N ASP A 59 17.74 11.52 -13.77
CA ASP A 59 18.22 10.65 -12.68
C ASP A 59 17.59 9.27 -12.68
N VAL A 60 16.33 9.19 -13.11
CA VAL A 60 15.70 7.90 -13.28
C VAL A 60 16.50 7.11 -14.32
N ASP A 61 17.06 7.81 -15.30
CA ASP A 61 17.86 7.17 -16.34
C ASP A 61 19.13 6.53 -15.79
N LYS A 62 19.81 7.25 -14.90
CA LYS A 62 20.99 6.72 -14.23
C LYS A 62 20.62 5.50 -13.38
N ALA A 63 19.50 5.58 -12.69
CA ALA A 63 19.06 4.46 -11.86
C ALA A 63 18.72 3.20 -12.66
N VAL A 64 18.09 3.35 -13.83
CA VAL A 64 17.72 2.20 -14.66
C VAL A 64 18.95 1.54 -15.25
N LYS A 65 19.92 2.34 -15.68
CA LYS A 65 21.15 1.78 -16.22
C LYS A 65 21.87 0.93 -15.17
N ALA A 66 21.86 1.41 -13.92
CA ALA A 66 22.41 0.67 -12.79
C ALA A 66 21.65 -0.63 -12.56
N ALA A 67 20.33 -0.55 -12.68
CA ALA A 67 19.50 -1.71 -12.47
C ALA A 67 19.67 -2.70 -13.60
N ARG A 68 19.77 -2.20 -14.84
CA ARG A 68 19.99 -3.06 -15.99
C ARG A 68 21.30 -3.82 -15.86
N GLN A 69 22.35 -3.12 -15.46
CA GLN A 69 23.65 -3.72 -15.31
C GLN A 69 23.68 -4.79 -14.22
N ALA A 70 23.04 -4.51 -13.10
CA ALA A 70 22.95 -5.46 -12.00
C ALA A 70 22.07 -6.68 -12.34
N PHE A 71 21.21 -6.53 -13.35
CA PHE A 71 20.42 -7.64 -13.84
C PHE A 71 21.10 -8.47 -14.95
N GLN A 72 22.27 -8.04 -15.47
CA GLN A 72 22.88 -8.74 -16.61
C GLN A 72 23.22 -10.19 -16.24
N ILE A 73 22.95 -11.12 -17.16
CA ILE A 73 23.45 -12.48 -17.03
C ILE A 73 24.91 -12.50 -16.59
N GLY A 74 25.22 -13.31 -15.58
CA GLY A 74 26.61 -13.42 -15.08
C GLY A 74 26.93 -12.46 -13.95
N SER A 75 26.01 -11.56 -13.62
CA SER A 75 26.21 -10.67 -12.49
C SER A 75 26.10 -11.40 -11.14
N PRO A 76 26.62 -10.78 -10.08
CA PRO A 76 26.44 -11.31 -8.73
C PRO A 76 24.98 -11.55 -8.33
N TRP A 77 24.10 -10.61 -8.62
CA TRP A 77 22.67 -10.80 -8.31
C TRP A 77 22.02 -11.92 -9.13
N ARG A 78 22.47 -12.16 -10.36
CA ARG A 78 21.87 -13.23 -11.19
C ARG A 78 22.42 -14.63 -10.84
N THR A 79 23.69 -14.67 -10.47
CA THR A 79 24.38 -15.91 -10.20
C THR A 79 24.35 -16.40 -8.75
N MET A 80 24.07 -15.51 -7.78
CA MET A 80 24.07 -15.98 -6.41
C MET A 80 22.96 -16.98 -6.18
N ASP A 81 23.16 -17.86 -5.22
CA ASP A 81 22.11 -18.81 -4.88
C ASP A 81 20.85 -18.04 -4.49
N ALA A 82 19.71 -18.60 -4.88
CA ALA A 82 18.45 -18.07 -4.37
C ALA A 82 18.41 -17.99 -2.86
N SER A 83 18.92 -19.00 -2.18
CA SER A 83 18.96 -18.96 -0.71
C SER A 83 19.71 -17.73 -0.17
N GLU A 84 20.69 -17.25 -0.94
CA GLU A 84 21.48 -16.07 -0.56
CA GLU A 84 21.47 -16.09 -0.54
C GLU A 84 20.68 -14.81 -0.82
N ARG A 85 19.84 -14.77 -1.86
CA ARG A 85 18.88 -13.65 -1.98
C ARG A 85 18.03 -13.61 -0.69
N GLY A 86 17.57 -14.78 -0.25
CA GLY A 86 16.75 -14.89 0.97
C GLY A 86 17.49 -14.39 2.20
N ARG A 87 18.73 -14.86 2.36
CA ARG A 87 19.60 -14.42 3.44
C ARG A 87 19.75 -12.88 3.50
N LEU A 88 19.93 -12.23 2.36
CA LEU A 88 20.06 -10.76 2.33
C LEU A 88 18.80 -10.07 2.78
N LEU A 89 17.67 -10.60 2.35
CA LEU A 89 16.38 -10.11 2.78
C LEU A 89 16.16 -10.27 4.29
N TYR A 90 16.51 -11.42 4.89
N TYR A 90 16.50 -11.45 4.84
CA TYR A 90 16.33 -11.60 6.36
CA TYR A 90 16.43 -11.71 6.29
C TYR A 90 17.35 -10.75 7.11
C TYR A 90 17.32 -10.72 7.04
N LYS A 91 18.50 -10.50 6.49
CA LYS A 91 19.46 -9.57 7.06
C LYS A 91 18.92 -8.15 7.10
N LEU A 92 18.30 -7.71 6.01
CA LEU A 92 17.63 -6.42 5.96
C LEU A 92 16.54 -6.29 7.01
N ALA A 93 15.75 -7.35 7.19
CA ALA A 93 14.74 -7.35 8.24
C ALA A 93 15.34 -7.17 9.65
N ASP A 94 16.47 -7.83 9.91
CA ASP A 94 17.17 -7.71 11.23
C ASP A 94 17.66 -6.29 11.43
N LEU A 95 18.08 -5.67 10.33
CA LEU A 95 18.60 -4.31 10.38
C LEU A 95 17.49 -3.29 10.63
N ILE A 96 16.35 -3.50 9.98
CA ILE A 96 15.18 -2.66 10.24
C ILE A 96 14.72 -2.84 11.67
N GLU A 97 14.75 -4.06 12.16
CA GLU A 97 14.39 -4.35 13.55
C GLU A 97 15.33 -3.58 14.50
N ARG A 98 16.63 -3.62 14.22
CA ARG A 98 17.61 -2.87 15.02
C ARG A 98 17.27 -1.36 15.05
N ASP A 99 16.88 -0.81 13.90
CA ASP A 99 16.54 0.59 13.78
C ASP A 99 15.05 0.88 13.92
N ARG A 100 14.32 0.02 14.61
CA ARG A 100 12.87 0.15 14.76
C ARG A 100 12.45 1.50 15.39
N LEU A 101 13.10 1.88 16.49
CA LEU A 101 12.73 3.13 17.17
C LEU A 101 12.92 4.33 16.29
N LEU A 102 14.10 4.43 15.70
CA LEU A 102 14.46 5.46 14.76
C LEU A 102 13.49 5.52 13.57
N LEU A 103 13.21 4.37 12.95
CA LEU A 103 12.40 4.35 11.78
C LEU A 103 10.95 4.72 12.06
N ALA A 104 10.40 4.18 13.15
CA ALA A 104 9.04 4.49 13.56
C ALA A 104 8.87 5.99 13.85
N THR A 105 9.90 6.62 14.40
CA THR A 105 9.82 8.05 14.80
C THR A 105 9.81 8.89 13.52
N MET A 106 10.73 8.56 12.63
CA MET A 106 10.82 9.17 11.31
C MET A 106 9.51 8.98 10.55
N GLU A 107 8.96 7.77 10.57
CA GLU A 107 7.70 7.52 9.89
C GLU A 107 6.61 8.39 10.48
N SER A 108 6.50 8.41 11.81
CA SER A 108 5.50 9.23 12.51
C SER A 108 5.67 10.72 12.22
N MET A 109 6.90 11.21 12.31
CA MET A 109 7.16 12.64 12.14
C MET A 109 6.95 13.10 10.69
N ASN A 110 7.34 12.27 9.72
CA ASN A 110 7.23 12.63 8.30
C ASN A 110 5.83 12.40 7.71
N GLY A 111 5.18 11.32 8.12
CA GLY A 111 3.90 10.91 7.52
C GLY A 111 2.67 11.23 8.34
N GLY A 112 2.84 11.97 9.44
CA GLY A 112 1.71 12.33 10.30
C GLY A 112 1.01 11.11 10.91
N LYS A 113 1.79 10.08 11.22
CA LYS A 113 1.27 8.78 11.62
C LYS A 113 1.47 8.54 13.12
N LEU A 114 0.40 8.18 13.84
CA LEU A 114 0.49 7.91 15.30
C LEU A 114 1.70 7.01 15.59
N TYR A 115 2.50 7.40 16.58
CA TYR A 115 3.73 6.69 16.88
C TYR A 115 3.45 5.28 17.39
N SER A 116 2.39 5.13 18.21
CA SER A 116 2.06 3.79 18.71
C SER A 116 1.80 2.86 17.53
N ASN A 117 0.98 3.29 16.59
CA ASN A 117 0.77 2.55 15.33
C ASN A 117 2.04 2.32 14.55
N ALA A 118 2.80 3.40 14.38
CA ALA A 118 4.04 3.34 13.60
C ALA A 118 4.96 2.28 14.16
N TYR A 119 5.12 2.27 15.48
CA TYR A 119 6.05 1.36 16.13
C TYR A 119 5.51 -0.07 16.23
N LEU A 120 4.26 -0.19 16.70
CA LEU A 120 3.66 -1.52 16.96
C LEU A 120 3.08 -2.21 15.69
N ASN A 121 2.58 -1.42 14.76
CA ASN A 121 1.93 -1.99 13.60
C ASN A 121 2.76 -1.88 12.34
N ASP A 122 3.06 -0.66 11.90
CA ASP A 122 3.79 -0.48 10.63
C ASP A 122 5.12 -1.20 10.67
N LEU A 123 5.92 -0.94 11.70
CA LEU A 123 7.25 -1.54 11.74
C LEU A 123 7.22 -3.06 11.95
N ALA A 124 6.27 -3.56 12.73
CA ALA A 124 6.08 -5.03 12.86
C ALA A 124 5.73 -5.68 11.54
N GLY A 125 4.82 -5.06 10.79
CA GLY A 125 4.36 -5.64 9.52
C GLY A 125 5.47 -5.61 8.50
N CYS A 126 6.20 -4.52 8.55
CA CYS A 126 7.36 -4.33 7.73
C CYS A 126 8.45 -5.46 7.93
N ILE A 127 8.83 -5.71 9.18
CA ILE A 127 9.81 -6.76 9.54
C ILE A 127 9.23 -8.15 9.14
N LYS A 128 8.00 -8.42 9.55
CA LYS A 128 7.37 -9.70 9.25
C LYS A 128 7.22 -9.99 7.77
N THR A 129 6.88 -8.95 7.01
CA THR A 129 6.67 -9.13 5.55
C THR A 129 8.03 -9.41 4.88
N LEU A 130 9.07 -8.68 5.27
CA LEU A 130 10.40 -8.99 4.78
C LEU A 130 10.79 -10.42 5.10
N ARG A 131 10.53 -10.88 6.30
CA ARG A 131 10.93 -12.22 6.64
C ARG A 131 10.13 -13.26 5.86
N TYR A 132 8.84 -13.00 5.65
CA TYR A 132 8.05 -13.89 4.80
C TYR A 132 8.65 -14.01 3.42
N CYS A 133 8.92 -12.88 2.80
CA CYS A 133 9.49 -12.84 1.44
C CYS A 133 10.86 -13.50 1.33
N ALA A 134 11.72 -13.32 2.34
CA ALA A 134 13.02 -13.99 2.39
C ALA A 134 12.83 -15.50 2.20
N GLY A 135 11.74 -16.03 2.77
CA GLY A 135 11.52 -17.45 2.81
C GLY A 135 11.07 -18.01 1.48
N TRP A 136 10.44 -17.18 0.64
CA TRP A 136 10.05 -17.60 -0.72
C TRP A 136 11.21 -17.72 -1.69
N ALA A 137 12.35 -17.11 -1.41
CA ALA A 137 13.36 -16.89 -2.47
C ALA A 137 13.84 -18.18 -3.23
N ASP A 138 14.11 -19.22 -2.48
CA ASP A 138 14.61 -20.51 -3.00
C ASP A 138 13.50 -21.58 -3.09
N LYS A 139 12.26 -21.09 -3.09
CA LYS A 139 11.06 -21.91 -3.20
C LYS A 139 10.22 -21.45 -4.40
N ILE A 140 10.74 -20.53 -5.19
CA ILE A 140 10.15 -20.13 -6.50
C ILE A 140 10.61 -21.20 -7.50
N GLN A 141 9.65 -21.88 -8.11
CA GLN A 141 9.93 -23.08 -8.93
C GLN A 141 9.13 -23.06 -10.19
N GLY A 142 9.73 -23.58 -11.26
CA GLY A 142 9.00 -23.89 -12.46
C GLY A 142 8.48 -25.32 -12.46
N ARG A 143 8.28 -25.84 -13.65
CA ARG A 143 7.61 -27.09 -13.84
C ARG A 143 8.33 -27.96 -14.84
N THR A 144 8.10 -29.25 -14.73
CA THR A 144 8.42 -30.16 -15.84
C THR A 144 7.08 -30.65 -16.34
N ILE A 145 6.96 -30.71 -17.65
CA ILE A 145 5.68 -30.80 -18.31
C ILE A 145 5.62 -31.93 -19.34
N PRO A 146 4.61 -32.81 -19.20
CA PRO A 146 4.46 -33.95 -20.16
C PRO A 146 3.85 -33.56 -21.51
N ILE A 147 4.60 -32.76 -22.27
CA ILE A 147 4.21 -32.23 -23.55
C ILE A 147 3.92 -33.40 -24.51
N ASP A 148 3.00 -33.20 -25.43
CA ASP A 148 2.83 -34.17 -26.53
C ASP A 148 4.16 -34.31 -27.29
N GLY A 149 4.42 -35.49 -27.85
CA GLY A 149 5.55 -35.73 -28.72
C GLY A 149 6.85 -35.97 -27.95
N ASN A 150 7.91 -36.27 -28.67
CA ASN A 150 9.19 -36.68 -28.08
C ASN A 150 10.11 -35.48 -27.76
N PHE A 151 9.77 -34.89 -26.63
CA PHE A 151 10.40 -33.67 -26.17
C PHE A 151 10.46 -33.73 -24.66
N PHE A 152 11.52 -33.12 -24.11
CA PHE A 152 11.62 -32.77 -22.69
C PHE A 152 11.29 -31.27 -22.57
N THR A 153 10.23 -30.94 -21.81
CA THR A 153 9.84 -29.53 -21.63
C THR A 153 9.89 -29.14 -20.13
N TYR A 154 10.56 -28.03 -19.84
CA TYR A 154 10.56 -27.47 -18.49
C TYR A 154 10.33 -25.99 -18.55
N THR A 155 9.97 -25.39 -17.41
CA THR A 155 9.85 -23.95 -17.40
C THR A 155 10.77 -23.38 -16.33
N ARG A 156 11.25 -22.17 -16.59
CA ARG A 156 11.97 -21.38 -15.63
C ARG A 156 11.07 -20.20 -15.24
N HIS A 157 10.84 -20.01 -13.94
CA HIS A 157 10.18 -18.78 -13.49
C HIS A 157 11.27 -17.75 -13.15
N GLU A 158 11.71 -17.04 -14.17
CA GLU A 158 12.81 -16.07 -14.07
C GLU A 158 12.34 -14.78 -13.43
N PRO A 159 13.27 -14.00 -12.85
CA PRO A 159 12.93 -12.60 -12.61
C PRO A 159 12.59 -11.87 -13.92
N ILE A 160 11.72 -10.88 -13.85
CA ILE A 160 11.36 -10.13 -15.07
C ILE A 160 12.53 -9.27 -15.49
N GLY A 161 13.10 -8.52 -14.54
CA GLY A 161 14.17 -7.60 -14.84
C GLY A 161 14.03 -6.33 -14.00
N VAL A 162 14.13 -5.17 -14.64
CA VAL A 162 14.15 -3.90 -13.93
C VAL A 162 12.69 -3.53 -13.68
N CYS A 163 12.35 -3.43 -12.40
CA CYS A 163 11.04 -3.10 -11.95
C CYS A 163 11.06 -1.71 -11.35
N GLY A 164 10.21 -0.84 -11.90
CA GLY A 164 9.98 0.49 -11.33
C GLY A 164 8.86 0.41 -10.32
N GLN A 165 9.09 1.00 -9.16
CA GLN A 165 8.16 0.83 -8.05
C GLN A 165 7.86 2.18 -7.41
N ILE A 166 6.62 2.65 -7.61
CA ILE A 166 6.14 3.92 -7.09
C ILE A 166 5.36 3.67 -5.79
N ILE A 167 5.84 4.28 -4.70
CA ILE A 167 5.34 4.01 -3.36
C ILE A 167 4.47 5.18 -2.88
N PRO A 168 3.35 4.88 -2.19
CA PRO A 168 2.49 5.93 -1.68
C PRO A 168 2.95 6.50 -0.34
N TRP A 169 2.29 7.58 0.08
CA TRP A 169 2.62 8.30 1.31
C TRP A 169 1.87 7.80 2.54
N ASN A 170 0.82 6.99 2.36
CA ASN A 170 0.04 6.59 3.53
C ASN A 170 0.77 5.57 4.42
N PHE A 171 1.47 4.61 3.80
CA PHE A 171 2.25 3.63 4.54
C PHE A 171 3.60 3.51 3.86
N PRO A 172 4.49 4.47 4.14
CA PRO A 172 5.72 4.52 3.32
C PRO A 172 6.62 3.33 3.50
N LEU A 173 6.85 2.89 4.75
CA LEU A 173 7.72 1.75 4.99
C LEU A 173 7.07 0.42 4.60
N VAL A 174 5.82 0.23 5.01
CA VAL A 174 5.12 -1.03 4.73
C VAL A 174 5.01 -1.27 3.21
N MET A 175 4.67 -0.22 2.45
CA MET A 175 4.45 -0.34 1.01
C MET A 175 5.74 -0.48 0.25
N LEU A 176 6.79 0.17 0.74
CA LEU A 176 8.15 -0.05 0.20
C LEU A 176 8.55 -1.50 0.34
N ILE A 177 8.35 -2.07 1.52
CA ILE A 177 8.66 -3.49 1.73
C ILE A 177 7.69 -4.44 0.96
N TRP A 178 6.41 -4.07 0.86
CA TRP A 178 5.45 -4.88 0.07
C TRP A 178 5.86 -4.97 -1.39
N LYS A 179 6.54 -3.93 -1.88
CA LYS A 179 7.04 -3.89 -3.22
C LYS A 179 8.44 -4.51 -3.34
N ILE A 180 9.42 -4.05 -2.57
CA ILE A 180 10.77 -4.57 -2.81
C ILE A 180 10.98 -6.00 -2.32
N GLY A 181 10.28 -6.41 -1.25
CA GLY A 181 10.40 -7.77 -0.73
C GLY A 181 10.23 -8.86 -1.82
N PRO A 182 9.04 -8.90 -2.46
CA PRO A 182 8.79 -9.92 -3.51
C PRO A 182 9.64 -9.73 -4.71
N ALA A 183 9.84 -8.48 -5.12
CA ALA A 183 10.62 -8.18 -6.32
C ALA A 183 12.03 -8.76 -6.17
N LEU A 184 12.62 -8.52 -5.01
CA LEU A 184 13.99 -8.99 -4.72
C LEU A 184 14.04 -10.49 -4.46
N SER A 185 13.01 -11.02 -3.81
CA SER A 185 12.99 -12.41 -3.49
C SER A 185 13.07 -13.19 -4.79
N CYS A 186 12.38 -12.69 -5.83
CA CYS A 186 12.31 -13.35 -7.15
C CYS A 186 13.51 -13.09 -8.03
N GLY A 187 14.40 -12.16 -7.63
CA GLY A 187 15.66 -11.89 -8.34
C GLY A 187 15.69 -10.70 -9.26
N ASN A 188 14.67 -9.84 -9.14
CA ASN A 188 14.57 -8.61 -9.90
C ASN A 188 15.49 -7.55 -9.32
N THR A 189 15.72 -6.51 -10.11
CA THR A 189 16.34 -5.27 -9.66
C THR A 189 15.27 -4.16 -9.71
N VAL A 190 15.43 -3.15 -8.85
CA VAL A 190 14.37 -2.18 -8.66
C VAL A 190 14.88 -0.74 -8.68
N VAL A 191 14.02 0.13 -9.20
CA VAL A 191 14.18 1.56 -9.16
C VAL A 191 12.91 2.04 -8.47
N VAL A 192 13.07 2.54 -7.25
CA VAL A 192 11.96 2.89 -6.38
C VAL A 192 11.79 4.40 -6.38
N LYS A 193 10.55 4.88 -6.46
CA LYS A 193 10.30 6.31 -6.28
C LYS A 193 9.35 6.48 -5.10
N PRO A 194 9.91 6.82 -3.93
CA PRO A 194 9.06 7.07 -2.78
C PRO A 194 8.20 8.31 -3.02
N ALA A 195 7.11 8.43 -2.26
CA ALA A 195 6.20 9.57 -2.39
C ALA A 195 6.98 10.87 -2.14
N GLU A 196 6.63 11.92 -2.87
CA GLU A 196 7.25 13.25 -2.65
C GLU A 196 7.11 13.71 -1.21
N GLN A 197 5.99 13.37 -0.60
CA GLN A 197 5.68 13.77 0.78
C GLN A 197 6.54 13.02 1.80
N THR A 198 6.92 11.79 1.49
CA THR A 198 7.47 10.87 2.48
C THR A 198 8.67 10.09 1.96
N PRO A 199 9.75 10.80 1.55
CA PRO A 199 10.89 10.08 1.02
C PRO A 199 11.85 9.56 2.05
N LEU A 200 11.76 10.05 3.29
CA LEU A 200 12.85 9.89 4.28
C LEU A 200 13.07 8.46 4.79
N THR A 201 12.01 7.72 5.15
CA THR A 201 12.25 6.39 5.70
C THR A 201 12.83 5.42 4.65
N ALA A 202 12.49 5.64 3.38
CA ALA A 202 13.02 4.82 2.29
C ALA A 202 14.50 5.07 2.10
N LEU A 203 14.92 6.32 2.27
CA LEU A 203 16.32 6.64 2.13
C LEU A 203 17.12 5.97 3.28
N HIS A 204 16.55 5.89 4.47
CA HIS A 204 17.20 5.16 5.55
C HIS A 204 17.30 3.68 5.22
N VAL A 205 16.19 3.08 4.79
CA VAL A 205 16.20 1.69 4.36
C VAL A 205 17.32 1.45 3.33
N ALA A 206 17.48 2.36 2.39
CA ALA A 206 18.57 2.21 1.40
C ALA A 206 19.93 2.09 2.07
N SER A 207 20.19 2.95 3.07
CA SER A 207 21.42 2.84 3.87
C SER A 207 21.58 1.43 4.42
N LEU A 208 20.47 0.83 4.84
CA LEU A 208 20.48 -0.53 5.41
C LEU A 208 20.65 -1.63 4.35
N ILE A 209 20.14 -1.36 3.16
CA ILE A 209 20.36 -2.26 2.02
C ILE A 209 21.85 -2.33 1.67
N LYS A 210 22.53 -1.20 1.70
CA LYS A 210 23.98 -1.16 1.54
C LYS A 210 24.68 -1.94 2.66
N GLU A 211 24.35 -1.63 3.91
CA GLU A 211 24.90 -2.34 5.05
C GLU A 211 24.73 -3.86 5.00
N ALA A 212 23.58 -4.33 4.51
CA ALA A 212 23.28 -5.76 4.44
C ALA A 212 24.09 -6.46 3.36
N GLY A 213 24.53 -5.69 2.38
CA GLY A 213 25.45 -6.20 1.37
C GLY A 213 24.81 -6.61 0.07
N PHE A 214 23.63 -6.06 -0.25
CA PHE A 214 23.05 -6.32 -1.58
C PHE A 214 24.02 -5.79 -2.60
N PRO A 215 24.15 -6.49 -3.76
CA PRO A 215 25.04 -5.95 -4.79
C PRO A 215 24.58 -4.59 -5.28
N PRO A 216 25.53 -3.70 -5.65
CA PRO A 216 25.17 -2.38 -6.14
C PRO A 216 24.26 -2.46 -7.36
N GLY A 217 23.24 -1.61 -7.37
CA GLY A 217 22.34 -1.50 -8.49
C GLY A 217 21.12 -2.38 -8.39
N VAL A 218 21.11 -3.31 -7.42
CA VAL A 218 19.95 -4.17 -7.18
C VAL A 218 18.78 -3.35 -6.59
N VAL A 219 19.07 -2.39 -5.72
CA VAL A 219 18.06 -1.44 -5.28
C VAL A 219 18.57 -0.02 -5.42
N ASN A 220 17.76 0.79 -6.10
CA ASN A 220 18.08 2.18 -6.35
C ASN A 220 16.85 2.98 -5.97
N ILE A 221 17.03 4.08 -5.25
CA ILE A 221 15.90 4.86 -4.76
C ILE A 221 16.04 6.29 -5.28
N VAL A 222 15.01 6.75 -5.97
CA VAL A 222 15.01 8.09 -6.58
C VAL A 222 13.85 8.91 -6.03
N PRO A 223 14.12 9.72 -5.00
CA PRO A 223 13.06 10.60 -4.50
C PRO A 223 12.75 11.68 -5.50
N GLY A 224 11.54 12.24 -5.41
CA GLY A 224 11.13 13.35 -6.25
C GLY A 224 9.63 13.34 -6.49
N TYR A 225 9.19 14.11 -7.50
CA TYR A 225 7.76 14.26 -7.81
C TYR A 225 7.21 13.24 -8.80
N GLY A 226 5.89 13.02 -8.71
CA GLY A 226 5.19 12.03 -9.53
C GLY A 226 5.18 12.37 -11.01
N PRO A 227 4.69 13.58 -11.36
CA PRO A 227 4.55 13.94 -12.78
C PRO A 227 5.87 14.15 -13.52
N THR A 228 7.00 14.00 -12.82
CA THR A 228 8.32 14.07 -13.43
C THR A 228 9.06 12.74 -13.30
N ALA A 229 9.48 12.38 -12.09
CA ALA A 229 10.17 11.12 -11.87
C ALA A 229 9.24 9.89 -11.99
N GLY A 230 7.98 10.05 -11.60
CA GLY A 230 6.99 8.97 -11.73
C GLY A 230 6.65 8.69 -13.17
N ALA A 231 6.47 9.76 -13.94
CA ALA A 231 6.20 9.65 -15.38
C ALA A 231 7.41 9.07 -16.08
N ALA A 232 8.59 9.53 -15.67
CA ALA A 232 9.83 9.01 -16.22
C ALA A 232 9.90 7.48 -16.06
N ILE A 233 9.49 6.97 -14.90
CA ILE A 233 9.41 5.53 -14.67
C ILE A 233 8.36 4.84 -15.56
N SER A 234 7.13 5.33 -15.52
CA SER A 234 6.01 4.66 -16.19
C SER A 234 6.13 4.66 -17.71
N SER A 235 6.92 5.60 -18.25
CA SER A 235 7.14 5.74 -19.69
C SER A 235 8.51 5.26 -20.17
N HIS A 236 9.35 4.75 -19.27
CA HIS A 236 10.73 4.37 -19.60
C HIS A 236 10.83 3.15 -20.54
N MET A 237 11.70 3.24 -21.55
CA MET A 237 11.83 2.21 -22.60
C MET A 237 12.64 0.96 -22.24
N ASP A 238 13.38 1.01 -21.13
CA ASP A 238 14.10 -0.14 -20.62
C ASP A 238 13.71 -0.54 -19.19
N ILE A 239 12.48 -0.20 -18.79
CA ILE A 239 11.93 -0.67 -17.54
C ILE A 239 10.93 -1.78 -17.90
N ASP A 240 11.13 -2.96 -17.34
CA ASP A 240 10.35 -4.15 -17.69
C ASP A 240 8.96 -4.18 -17.05
N LYS A 241 8.84 -3.67 -15.84
CA LYS A 241 7.56 -3.67 -15.12
C LYS A 241 7.43 -2.44 -14.21
N VAL A 242 6.21 -1.94 -14.07
CA VAL A 242 5.91 -0.89 -13.11
C VAL A 242 4.86 -1.36 -12.07
N ALA A 243 5.16 -1.14 -10.80
CA ALA A 243 4.20 -1.35 -9.72
C ALA A 243 3.89 -0.01 -9.04
N PHE A 244 2.61 0.23 -8.77
CA PHE A 244 2.13 1.52 -8.25
C PHE A 244 0.95 1.28 -7.32
N THR A 245 0.99 1.97 -6.19
CA THR A 245 -0.15 2.10 -5.30
C THR A 245 -0.54 3.59 -5.21
N GLY A 246 -1.83 3.86 -5.32
CA GLY A 246 -2.33 5.22 -5.21
C GLY A 246 -3.74 5.37 -5.72
N SER A 247 -4.13 6.59 -6.03
CA SER A 247 -5.42 6.87 -6.63
C SER A 247 -5.62 6.06 -7.92
N THR A 248 -6.87 5.68 -8.16
CA THR A 248 -7.32 5.09 -9.41
C THR A 248 -7.05 6.01 -10.61
N GLU A 249 -7.21 7.32 -10.41
CA GLU A 249 -7.04 8.31 -11.49
C GLU A 249 -5.62 8.29 -12.07
N VAL A 250 -4.64 8.21 -11.18
CA VAL A 250 -3.23 8.16 -11.57
C VAL A 250 -2.89 6.78 -12.10
N GLY A 251 -3.50 5.75 -11.52
CA GLY A 251 -3.41 4.38 -12.02
C GLY A 251 -3.65 4.27 -13.52
N LYS A 252 -4.65 4.98 -14.01
CA LYS A 252 -5.01 4.95 -15.43
C LYS A 252 -3.93 5.58 -16.28
N LEU A 253 -3.31 6.64 -15.76
CA LEU A 253 -2.24 7.33 -16.46
C LEU A 253 -1.07 6.38 -16.60
N ILE A 254 -0.73 5.67 -15.52
CA ILE A 254 0.37 4.73 -15.55
C ILE A 254 0.15 3.60 -16.56
N LYS A 255 -1.01 2.93 -16.47
CA LYS A 255 -1.32 1.85 -17.40
C LYS A 255 -1.29 2.36 -18.84
N GLU A 256 -1.85 3.52 -19.07
CA GLU A 256 -1.84 4.12 -20.40
C GLU A 256 -0.42 4.35 -20.90
N ALA A 257 0.44 4.93 -20.05
CA ALA A 257 1.82 5.25 -20.41
C ALA A 257 2.68 4.01 -20.72
N ALA A 258 2.40 2.91 -20.02
CA ALA A 258 3.06 1.63 -20.25
C ALA A 258 2.79 1.16 -21.68
N GLY A 259 1.52 1.24 -22.08
CA GLY A 259 1.08 0.87 -23.42
C GLY A 259 1.72 1.66 -24.54
N LYS A 260 1.79 2.99 -24.38
CA LYS A 260 2.39 3.85 -25.39
C LYS A 260 3.93 3.74 -25.45
N SER A 261 4.58 3.37 -24.35
CA SER A 261 6.05 3.25 -24.32
C SER A 261 6.55 1.89 -24.81
N ASN A 262 6.68 0.92 -23.90
CA ASN A 262 7.34 -0.37 -24.22
C ASN A 262 6.55 -1.60 -23.76
N LEU A 263 5.24 -1.45 -23.60
CA LEU A 263 4.38 -2.50 -23.10
C LEU A 263 4.94 -3.15 -21.84
N LYS A 264 5.47 -2.33 -20.93
CA LYS A 264 5.99 -2.85 -19.66
C LYS A 264 4.83 -3.45 -18.88
N ARG A 265 5.12 -4.49 -18.11
CA ARG A 265 4.09 -5.14 -17.29
C ARG A 265 3.65 -4.18 -16.20
N VAL A 266 2.40 -4.31 -15.77
CA VAL A 266 1.85 -3.35 -14.85
C VAL A 266 1.12 -4.08 -13.71
N THR A 267 1.34 -3.65 -12.47
CA THR A 267 0.40 -4.02 -11.41
C THR A 267 0.08 -2.78 -10.62
N LEU A 268 -1.18 -2.68 -10.23
CA LEU A 268 -1.71 -1.46 -9.63
C LEU A 268 -2.52 -1.83 -8.39
N GLU A 269 -2.33 -1.09 -7.31
CA GLU A 269 -3.15 -1.24 -6.12
C GLU A 269 -3.75 0.14 -5.87
N LEU A 270 -5.06 0.29 -6.02
CA LEU A 270 -5.63 1.63 -6.16
C LEU A 270 -6.68 1.91 -5.10
N GLY A 271 -7.50 2.93 -5.31
CA GLY A 271 -8.52 3.27 -4.34
C GLY A 271 -9.62 2.24 -4.13
N GLY A 272 -10.52 2.58 -3.24
CA GLY A 272 -11.69 1.79 -2.98
C GLY A 272 -12.84 2.65 -2.51
N LYS A 273 -14.01 2.05 -2.54
CA LYS A 273 -15.16 2.58 -1.82
C LYS A 273 -15.81 1.34 -1.22
N SER A 274 -15.09 0.79 -0.25
CA SER A 274 -15.32 -0.56 0.24
C SER A 274 -16.49 -0.61 1.20
N PRO A 275 -17.41 -1.56 0.98
CA PRO A 275 -18.61 -1.61 1.80
C PRO A 275 -18.57 -2.70 2.84
N CYS A 276 -19.27 -2.47 3.94
CA CYS A 276 -19.62 -3.50 4.90
C CYS A 276 -21.12 -3.72 4.90
N ILE A 277 -21.52 -4.97 5.01
CA ILE A 277 -22.92 -5.36 5.17
C ILE A 277 -23.01 -5.97 6.54
N VAL A 278 -23.82 -5.33 7.40
CA VAL A 278 -24.01 -5.79 8.75
C VAL A 278 -25.43 -6.37 8.87
N LEU A 279 -25.53 -7.68 9.06
CA LEU A 279 -26.82 -8.34 9.21
C LEU A 279 -27.40 -8.18 10.61
N ALA A 280 -28.72 -8.30 10.70
CA ALA A 280 -29.43 -8.17 11.97
C ALA A 280 -28.91 -9.16 13.03
N ASP A 281 -28.36 -10.28 12.60
CA ASP A 281 -27.97 -11.32 13.55
C ASP A 281 -26.51 -11.16 13.98
N ALA A 282 -25.86 -10.10 13.51
CA ALA A 282 -24.44 -9.86 13.80
C ALA A 282 -24.16 -9.56 15.27
N ASP A 283 -22.93 -9.85 15.69
CA ASP A 283 -22.49 -9.42 17.01
C ASP A 283 -22.33 -7.92 16.89
N LEU A 284 -23.26 -7.16 17.48
CA LEU A 284 -23.35 -5.72 17.19
C LEU A 284 -22.09 -4.97 17.60
N ASP A 285 -21.64 -5.18 18.83
CA ASP A 285 -20.44 -4.51 19.33
C ASP A 285 -19.20 -4.83 18.49
N ASN A 286 -19.03 -6.08 18.09
CA ASN A 286 -17.89 -6.45 17.25
C ASN A 286 -17.97 -5.77 15.87
N ALA A 287 -19.17 -5.71 15.29
CA ALA A 287 -19.37 -5.02 14.02
C ALA A 287 -19.12 -3.53 14.12
N VAL A 288 -19.59 -2.89 15.18
CA VAL A 288 -19.37 -1.45 15.35
C VAL A 288 -17.87 -1.14 15.47
N GLU A 289 -17.16 -2.00 16.18
CA GLU A 289 -15.76 -1.73 16.50
C GLU A 289 -14.90 -1.86 15.24
N PHE A 290 -15.12 -2.92 14.48
CA PHE A 290 -14.36 -3.18 13.27
C PHE A 290 -14.71 -2.21 12.15
N ALA A 291 -15.99 -1.90 12.01
CA ALA A 291 -16.40 -0.94 11.01
C ALA A 291 -15.86 0.45 11.35
N HIS A 292 -15.86 0.80 12.63
CA HIS A 292 -15.27 2.06 13.08
C HIS A 292 -13.77 2.17 12.75
N HIS A 293 -12.99 1.22 13.29
CA HIS A 293 -11.55 1.21 13.03
C HIS A 293 -11.28 1.01 11.53
N GLY A 294 -12.17 0.24 10.91
CA GLY A 294 -12.15 0.01 9.47
C GLY A 294 -12.09 1.23 8.56
N VAL A 295 -12.75 2.31 8.99
CA VAL A 295 -12.78 3.55 8.22
C VAL A 295 -11.90 4.66 8.79
N PHE A 296 -11.67 4.66 10.10
CA PHE A 296 -10.94 5.74 10.73
C PHE A 296 -9.44 5.50 10.85
N TYR A 297 -9.00 4.27 10.62
CA TYR A 297 -7.57 3.96 10.82
C TYR A 297 -6.65 4.89 9.99
N HIS A 298 -5.56 5.33 10.61
CA HIS A 298 -4.59 6.25 10.00
C HIS A 298 -5.30 7.45 9.33
N GLN A 299 -6.23 8.03 10.07
CA GLN A 299 -6.94 9.21 9.64
C GLN A 299 -7.69 8.96 8.32
N GLY A 300 -8.23 7.75 8.16
CA GLY A 300 -8.97 7.37 6.96
C GLY A 300 -8.12 7.17 5.71
N GLN A 301 -6.80 7.22 5.85
CA GLN A 301 -5.91 7.28 4.70
C GLN A 301 -5.50 5.88 4.32
N CYS A 302 -6.53 5.06 4.12
CA CYS A 302 -6.40 3.66 3.78
C CYS A 302 -7.19 3.38 2.54
N CSO A 303 -6.54 2.71 1.58
CA CSO A 303 -7.17 2.28 0.34
CA CSO A 303 -7.21 2.36 0.33
CB CSO A 303 -6.10 1.51 -0.46
CB CSO A 303 -6.18 1.78 -0.67
SG CSO A 303 -5.50 0.00 0.26
SG CSO A 303 -4.80 2.85 -1.05
C CSO A 303 -8.43 1.46 0.60
O CSO A 303 -9.42 1.54 -0.14
OD CSO A 303 -4.93 0.38 1.86
OD CSO A 303 -5.25 3.91 -2.36
N ILE A 304 -8.39 0.64 1.66
CA ILE A 304 -9.48 -0.29 2.01
C ILE A 304 -10.51 0.30 2.97
N ALA A 305 -10.40 1.60 3.25
CA ALA A 305 -11.33 2.28 4.16
C ALA A 305 -12.77 1.79 4.00
N ALA A 306 -13.36 1.27 5.07
CA ALA A 306 -14.78 0.84 5.09
C ALA A 306 -15.75 2.04 4.98
N SER A 307 -15.80 2.62 3.79
CA SER A 307 -16.38 3.91 3.55
C SER A 307 -17.88 3.85 3.28
N ARG A 308 -18.45 2.66 3.13
CA ARG A 308 -19.90 2.52 3.10
C ARG A 308 -20.36 1.38 3.98
N ILE A 309 -21.06 1.71 5.06
CA ILE A 309 -21.52 0.71 6.02
C ILE A 309 -23.02 0.55 5.93
N PHE A 310 -23.43 -0.60 5.45
CA PHE A 310 -24.85 -0.92 5.23
C PHE A 310 -25.38 -1.76 6.38
N VAL A 311 -26.31 -1.23 7.18
CA VAL A 311 -26.77 -1.94 8.35
C VAL A 311 -28.26 -2.28 8.23
N GLU A 312 -28.63 -3.50 8.62
CA GLU A 312 -30.02 -3.93 8.46
C GLU A 312 -30.89 -3.03 9.32
N GLU A 313 -32.03 -2.60 8.77
CA GLU A 313 -32.88 -1.59 9.41
C GLU A 313 -33.18 -1.74 10.89
N SER A 314 -33.43 -2.96 11.35
CA SER A 314 -33.87 -3.18 12.74
C SER A 314 -32.79 -2.94 13.78
N ILE A 315 -31.53 -2.87 13.34
CA ILE A 315 -30.38 -2.55 14.20
C ILE A 315 -29.67 -1.27 13.76
N TYR A 316 -30.21 -0.59 12.75
CA TYR A 316 -29.57 0.60 12.15
C TYR A 316 -29.37 1.72 13.17
N ASP A 317 -30.45 2.07 13.87
CA ASP A 317 -30.43 3.13 14.89
C ASP A 317 -29.33 2.85 15.93
N GLU A 318 -29.39 1.66 16.52
CA GLU A 318 -28.46 1.28 17.57
C GLU A 318 -27.03 1.21 17.07
N PHE A 319 -26.85 0.80 15.81
CA PHE A 319 -25.54 0.79 15.22
C PHE A 319 -24.96 2.21 15.10
N VAL A 320 -25.81 3.15 14.67
CA VAL A 320 -25.39 4.53 14.45
C VAL A 320 -24.97 5.16 15.76
N ARG A 321 -25.80 4.98 16.77
CA ARG A 321 -25.60 5.56 18.10
C ARG A 321 -24.25 5.14 18.65
N ARG A 322 -24.00 3.82 18.62
CA ARG A 322 -22.76 3.26 19.17
C ARG A 322 -21.54 3.70 18.37
N SER A 323 -21.73 3.80 17.05
CA SER A 323 -20.69 4.29 16.16
C SER A 323 -20.34 5.74 16.47
N VAL A 324 -21.36 6.59 16.66
CA VAL A 324 -21.12 8.02 16.94
C VAL A 324 -20.40 8.21 18.26
N GLU A 325 -20.77 7.42 19.26
CA GLU A 325 -20.12 7.44 20.57
C GLU A 325 -18.64 7.14 20.46
N ARG A 326 -18.31 6.10 19.72
CA ARG A 326 -16.91 5.72 19.53
C ARG A 326 -16.13 6.80 18.77
N ALA A 327 -16.76 7.43 17.78
CA ALA A 327 -16.14 8.51 17.03
C ALA A 327 -15.83 9.77 17.87
N LYS A 328 -16.62 9.98 18.92
CA LYS A 328 -16.48 11.18 19.75
C LYS A 328 -15.36 11.08 20.79
N LYS A 329 -14.63 9.96 20.78
CA LYS A 329 -13.60 9.69 21.80
C LYS A 329 -12.16 10.05 21.43
N TYR A 330 -11.94 10.80 20.36
CA TYR A 330 -10.58 10.98 19.88
C TYR A 330 -9.88 12.20 20.45
N ILE A 331 -8.55 12.07 20.52
CA ILE A 331 -7.69 13.14 20.99
C ILE A 331 -6.76 13.50 19.85
N LEU A 332 -7.00 14.68 19.28
CA LEU A 332 -6.24 15.12 18.12
C LEU A 332 -4.99 15.83 18.59
N GLY A 333 -3.94 15.73 17.80
CA GLY A 333 -2.67 16.36 18.11
C GLY A 333 -1.47 15.69 17.50
N ASN A 334 -0.31 16.05 18.03
CA ASN A 334 0.97 15.57 17.52
C ASN A 334 1.07 14.05 17.62
N PRO A 335 1.22 13.35 16.47
CA PRO A 335 1.40 11.89 16.47
C PRO A 335 2.44 11.33 17.44
N LEU A 336 3.42 12.16 17.77
CA LEU A 336 4.48 11.76 18.68
C LEU A 336 4.14 11.81 20.16
N THR A 337 3.14 12.59 20.55
CA THR A 337 2.79 12.73 21.98
C THR A 337 1.97 11.57 22.49
N PRO A 338 2.41 10.92 23.59
CA PRO A 338 1.61 9.76 24.01
C PRO A 338 0.18 10.16 24.42
N GLY A 339 -0.79 9.28 24.22
CA GLY A 339 -2.20 9.58 24.51
C GLY A 339 -2.99 10.18 23.35
N VAL A 340 -2.30 10.87 22.44
CA VAL A 340 -2.88 11.36 21.18
C VAL A 340 -3.39 10.18 20.35
N THR A 341 -4.64 10.25 19.89
CA THR A 341 -5.28 9.14 19.15
C THR A 341 -5.72 9.45 17.70
N GLN A 342 -5.46 10.67 17.24
CA GLN A 342 -5.68 11.05 15.84
C GLN A 342 -4.70 12.14 15.43
N GLY A 343 -3.89 11.81 14.40
CA GLY A 343 -2.96 12.75 13.79
C GLY A 343 -3.60 13.54 12.68
N PRO A 344 -2.77 14.26 11.90
CA PRO A 344 -3.27 15.09 10.82
C PRO A 344 -3.40 14.30 9.54
N GLN A 345 -4.06 14.87 8.54
CA GLN A 345 -4.00 14.37 7.17
C GLN A 345 -2.63 14.74 6.61
N ILE A 346 -2.25 14.12 5.50
CA ILE A 346 -0.89 14.23 4.99
C ILE A 346 -0.50 15.59 4.43
N ASP A 347 -1.41 16.29 3.75
CA ASP A 347 -1.08 17.58 3.11
C ASP A 347 -2.31 18.37 2.64
N LYS A 348 -2.05 19.55 2.09
CA LYS A 348 -3.11 20.47 1.67
C LYS A 348 -4.00 19.91 0.59
N GLU A 349 -3.41 19.35 -0.48
CA GLU A 349 -4.21 18.80 -1.59
C GLU A 349 -5.28 17.90 -1.00
N GLN A 350 -4.84 16.99 -0.14
CA GLN A 350 -5.72 16.02 0.51
C GLN A 350 -6.72 16.64 1.48
N TYR A 351 -6.23 17.55 2.31
CA TYR A 351 -7.04 18.30 3.28
C TYR A 351 -8.24 18.96 2.61
N ASP A 352 -7.99 19.58 1.46
CA ASP A 352 -9.02 20.34 0.74
C ASP A 352 -10.10 19.42 0.19
N LYS A 353 -9.68 18.36 -0.52
CA LYS A 353 -10.60 17.40 -1.12
C LYS A 353 -11.56 16.84 -0.08
N ILE A 354 -11.02 16.52 1.09
CA ILE A 354 -11.77 15.98 2.23
C ILE A 354 -12.79 16.96 2.76
N LEU A 355 -12.38 18.21 2.97
CA LEU A 355 -13.30 19.23 3.43
C LEU A 355 -14.36 19.51 2.38
N ASP A 356 -13.93 19.58 1.12
CA ASP A 356 -14.87 19.74 0.03
C ASP A 356 -15.89 18.58 -0.01
N LEU A 357 -15.45 17.35 0.25
CA LEU A 357 -16.36 16.19 0.28
C LEU A 357 -17.31 16.18 1.49
N ILE A 358 -16.83 16.68 2.62
CA ILE A 358 -17.66 16.87 3.82
C ILE A 358 -18.73 17.90 3.56
N GLU A 359 -18.42 18.92 2.76
CA GLU A 359 -19.40 19.96 2.43
C GLU A 359 -20.55 19.40 1.60
N SER A 360 -20.22 18.60 0.59
CA SER A 360 -21.22 17.90 -0.20
C SER A 360 -22.14 17.06 0.67
N GLY A 361 -21.56 16.40 1.68
CA GLY A 361 -22.35 15.59 2.63
C GLY A 361 -23.48 16.40 3.26
N LYS A 362 -23.11 17.58 3.77
CA LYS A 362 -24.08 18.49 4.37
C LYS A 362 -25.08 19.00 3.34
N LYS A 363 -24.59 19.54 2.23
CA LYS A 363 -25.46 20.10 1.19
C LYS A 363 -26.45 19.06 0.66
N GLU A 364 -25.95 17.85 0.34
CA GLU A 364 -26.80 16.80 -0.23
C GLU A 364 -27.64 16.04 0.80
N GLY A 365 -27.53 16.52 2.06
CA GLY A 365 -28.54 16.26 3.07
C GLY A 365 -28.36 14.94 3.78
N ALA A 366 -27.11 14.52 3.98
CA ALA A 366 -26.84 13.43 4.91
C ALA A 366 -27.00 13.99 6.32
N LYS A 367 -27.21 13.11 7.29
CA LYS A 367 -27.35 13.53 8.69
C LYS A 367 -26.01 13.48 9.40
N LEU A 368 -25.50 14.65 9.77
CA LEU A 368 -24.19 14.78 10.41
C LEU A 368 -24.34 14.47 11.88
N GLU A 369 -23.71 13.41 12.35
CA GLU A 369 -23.80 13.01 13.75
C GLU A 369 -22.73 13.69 14.61
N CYS A 370 -21.54 13.88 14.05
CA CYS A 370 -20.46 14.55 14.75
C CYS A 370 -19.39 14.96 13.74
N GLY A 371 -18.54 15.89 14.13
CA GLY A 371 -17.46 16.35 13.26
C GLY A 371 -17.95 17.32 12.21
N GLY A 372 -17.32 17.27 11.04
CA GLY A 372 -17.75 18.08 9.89
C GLY A 372 -16.98 19.38 9.64
N GLY A 373 -15.86 19.56 10.33
CA GLY A 373 -14.98 20.71 10.10
C GLY A 373 -13.53 20.45 10.52
N PRO A 374 -12.65 21.44 10.34
CA PRO A 374 -11.23 21.32 10.68
C PRO A 374 -10.94 21.46 12.18
N TRP A 375 -9.66 21.28 12.55
CA TRP A 375 -9.24 21.39 13.95
C TRP A 375 -7.85 22.01 14.06
N GLY A 376 -7.66 22.86 15.06
CA GLY A 376 -6.34 23.42 15.36
C GLY A 376 -5.96 24.66 14.58
N ASN A 377 -4.83 25.26 14.96
CA ASN A 377 -4.29 26.44 14.29
C ASN A 377 -3.20 26.08 13.29
N LYS A 378 -2.77 24.84 13.33
CA LYS A 378 -1.78 24.33 12.41
C LYS A 378 -1.88 22.82 12.38
N GLY A 379 -1.32 22.23 11.34
CA GLY A 379 -1.45 20.80 11.04
C GLY A 379 -2.64 20.59 10.12
N TYR A 380 -2.65 19.52 9.32
CA TYR A 380 -3.81 19.27 8.44
C TYR A 380 -4.88 18.41 9.13
N PHE A 381 -5.41 18.91 10.24
CA PHE A 381 -6.37 18.15 11.06
C PHE A 381 -7.86 18.30 10.63
N VAL A 382 -8.55 17.17 10.58
CA VAL A 382 -9.99 17.16 10.31
C VAL A 382 -10.68 16.44 11.46
N GLN A 383 -11.70 17.05 12.03
CA GLN A 383 -12.47 16.39 13.08
C GLN A 383 -12.98 15.06 12.54
N PRO A 384 -12.97 14.00 13.37
CA PRO A 384 -13.60 12.74 12.95
C PRO A 384 -15.10 12.91 12.69
N THR A 385 -15.55 12.49 11.52
CA THR A 385 -16.89 12.84 11.08
C THR A 385 -17.72 11.60 10.77
N VAL A 386 -18.96 11.62 11.26
CA VAL A 386 -19.94 10.56 11.01
C VAL A 386 -21.21 11.11 10.35
N PHE A 387 -21.60 10.47 9.26
CA PHE A 387 -22.81 10.80 8.52
C PHE A 387 -23.73 9.60 8.53
N SER A 388 -24.97 9.80 8.96
CA SER A 388 -25.99 8.77 8.82
C SER A 388 -27.04 9.21 7.79
N ASN A 389 -27.98 8.30 7.51
CA ASN A 389 -28.93 8.42 6.42
C ASN A 389 -28.31 8.77 5.06
N VAL A 390 -27.13 8.22 4.78
CA VAL A 390 -26.43 8.47 3.53
C VAL A 390 -27.14 7.71 2.41
N THR A 391 -27.24 8.33 1.23
CA THR A 391 -27.81 7.65 0.08
C THR A 391 -26.80 7.53 -1.03
N ASP A 392 -27.13 6.66 -1.98
CA ASP A 392 -26.14 6.11 -2.92
C ASP A 392 -25.64 7.09 -3.99
N GLU A 393 -26.44 8.08 -4.32
CA GLU A 393 -26.01 9.08 -5.30
C GLU A 393 -25.24 10.23 -4.66
N MET A 394 -25.15 10.24 -3.33
CA MET A 394 -24.41 11.28 -2.63
C MET A 394 -22.94 11.12 -2.94
N ARG A 395 -22.24 12.26 -3.00
CA ARG A 395 -20.83 12.27 -3.31
C ARG A 395 -20.09 11.42 -2.29
N ILE A 396 -20.40 11.62 -1.02
CA ILE A 396 -19.73 10.89 0.05
C ILE A 396 -19.93 9.36 -0.04
N ALA A 397 -20.94 8.92 -0.76
CA ALA A 397 -21.20 7.50 -0.97
C ALA A 397 -20.51 6.98 -2.23
N LYS A 398 -20.11 7.87 -3.13
CA LYS A 398 -19.46 7.45 -4.37
C LYS A 398 -17.94 7.69 -4.40
N GLU A 399 -17.46 8.79 -3.85
CA GLU A 399 -16.05 9.15 -3.97
C GLU A 399 -15.23 8.74 -2.77
N GLU A 400 -14.10 8.10 -3.04
CA GLU A 400 -13.09 7.88 -2.03
C GLU A 400 -12.71 9.22 -1.42
N ILE A 401 -12.90 9.35 -0.12
CA ILE A 401 -12.60 10.59 0.59
C ILE A 401 -11.14 10.61 1.06
N PHE A 402 -10.66 9.46 1.53
CA PHE A 402 -9.31 9.31 2.06
C PHE A 402 -9.14 10.22 3.28
N GLY A 403 -10.21 10.35 4.05
CA GLY A 403 -10.23 11.19 5.25
C GLY A 403 -11.04 10.53 6.36
N PRO A 404 -11.04 11.14 7.55
CA PRO A 404 -11.71 10.56 8.71
C PRO A 404 -13.21 10.84 8.63
N VAL A 405 -13.88 10.17 7.70
CA VAL A 405 -15.31 10.43 7.46
C VAL A 405 -16.05 9.10 7.21
N GLN A 406 -16.98 8.76 8.09
CA GLN A 406 -17.71 7.49 8.01
C GLN A 406 -19.12 7.70 7.44
N GLN A 407 -19.56 6.79 6.57
CA GLN A 407 -20.95 6.82 6.01
C GLN A 407 -21.70 5.61 6.54
N ILE A 408 -22.89 5.84 7.08
CA ILE A 408 -23.75 4.73 7.53
C ILE A 408 -25.11 4.79 6.84
N MET A 409 -25.50 3.70 6.19
CA MET A 409 -26.77 3.63 5.46
C MET A 409 -27.54 2.40 5.85
N LYS A 410 -28.85 2.40 5.64
CA LYS A 410 -29.70 1.29 6.06
C LYS A 410 -30.02 0.41 4.84
N PHE A 411 -30.39 -0.83 5.12
CA PHE A 411 -31.01 -1.69 4.12
C PHE A 411 -31.99 -2.61 4.83
N LYS A 412 -32.97 -3.13 4.08
CA LYS A 412 -33.80 -4.22 4.58
C LYS A 412 -33.81 -5.44 3.66
N SER A 413 -33.37 -5.30 2.40
CA SER A 413 -33.29 -6.42 1.47
C SER A 413 -31.87 -6.86 1.16
N LEU A 414 -31.57 -8.12 1.43
CA LEU A 414 -30.22 -8.62 1.22
C LEU A 414 -29.82 -8.61 -0.24
N ASP A 415 -30.66 -9.13 -1.14
CA ASP A 415 -30.33 -9.09 -2.59
C ASP A 415 -30.00 -7.65 -3.01
N ASP A 416 -30.81 -6.71 -2.54
CA ASP A 416 -30.67 -5.32 -2.95
C ASP A 416 -29.39 -4.69 -2.43
N VAL A 417 -29.03 -4.98 -1.19
CA VAL A 417 -27.88 -4.35 -0.58
C VAL A 417 -26.58 -4.88 -1.20
N ILE A 418 -26.62 -6.12 -1.69
CA ILE A 418 -25.46 -6.70 -2.37
C ILE A 418 -25.29 -6.00 -3.73
N LYS A 419 -26.40 -5.68 -4.40
CA LYS A 419 -26.30 -4.91 -5.64
C LYS A 419 -25.75 -3.53 -5.37
N ARG A 420 -26.18 -2.93 -4.27
CA ARG A 420 -25.70 -1.60 -3.88
C ARG A 420 -24.23 -1.67 -3.54
N ALA A 421 -23.84 -2.63 -2.71
CA ALA A 421 -22.41 -2.86 -2.40
C ALA A 421 -21.54 -3.01 -3.66
N ASN A 422 -22.07 -3.72 -4.67
CA ASN A 422 -21.35 -3.99 -5.93
C ASN A 422 -21.47 -2.88 -6.99
N ASN A 423 -22.34 -1.91 -6.74
CA ASN A 423 -22.60 -0.88 -7.71
C ASN A 423 -21.61 0.28 -7.62
N THR A 424 -20.34 -0.03 -7.88
CA THR A 424 -19.27 0.96 -7.94
C THR A 424 -18.22 0.42 -8.92
N PHE A 425 -17.37 1.31 -9.44
CA PHE A 425 -16.26 0.86 -10.26
C PHE A 425 -15.11 0.36 -9.39
N TYR A 426 -15.15 0.66 -8.09
CA TYR A 426 -14.14 0.15 -7.15
C TYR A 426 -14.46 -1.30 -6.76
N GLY A 427 -13.56 -1.92 -6.01
CA GLY A 427 -13.77 -3.30 -5.56
C GLY A 427 -12.55 -3.85 -4.84
N LEU A 428 -11.98 -3.04 -3.97
CA LEU A 428 -10.76 -3.42 -3.28
C LEU A 428 -11.01 -4.44 -2.16
N SER A 429 -12.08 -4.21 -1.38
CA SER A 429 -12.37 -4.99 -0.18
C SER A 429 -13.80 -4.81 0.26
N ALA A 430 -14.25 -5.67 1.19
CA ALA A 430 -15.59 -5.60 1.79
C ALA A 430 -15.62 -6.36 3.11
N GLY A 431 -16.64 -6.08 3.90
CA GLY A 431 -16.83 -6.75 5.18
C GLY A 431 -18.25 -7.26 5.29
N VAL A 432 -18.43 -8.39 5.96
CA VAL A 432 -19.71 -9.06 6.11
C VAL A 432 -19.79 -9.46 7.57
N PHE A 433 -20.81 -9.00 8.27
CA PHE A 433 -20.99 -9.31 9.70
C PHE A 433 -22.28 -10.08 9.93
N THR A 434 -22.16 -11.36 10.32
CA THR A 434 -23.29 -12.28 10.59
C THR A 434 -22.74 -13.49 11.36
N LYS A 435 -23.62 -14.23 12.01
CA LYS A 435 -23.23 -15.44 12.73
C LYS A 435 -23.57 -16.69 11.93
N ASP A 436 -24.29 -16.49 10.81
CA ASP A 436 -24.85 -17.57 10.02
C ASP A 436 -23.89 -18.07 8.94
N ILE A 437 -23.64 -19.38 8.93
CA ILE A 437 -22.61 -19.99 8.10
C ILE A 437 -22.96 -19.70 6.67
N ASP A 438 -24.19 -20.02 6.28
CA ASP A 438 -24.56 -19.93 4.86
C ASP A 438 -24.44 -18.52 4.32
N LYS A 439 -24.89 -17.54 5.09
CA LYS A 439 -24.87 -16.15 4.66
C LYS A 439 -23.46 -15.65 4.51
N ALA A 440 -22.59 -16.01 5.45
CA ALA A 440 -21.20 -15.62 5.34
C ALA A 440 -20.56 -16.08 4.02
N ILE A 441 -20.81 -17.33 3.69
CA ILE A 441 -20.17 -17.90 2.50
C ILE A 441 -20.81 -17.31 1.26
N THR A 442 -22.15 -17.27 1.21
CA THR A 442 -22.81 -16.84 -0.03
C THR A 442 -22.64 -15.33 -0.29
N ILE A 443 -22.68 -14.51 0.76
CA ILE A 443 -22.46 -13.08 0.54
C ILE A 443 -21.02 -12.78 0.14
N SER A 444 -20.05 -13.39 0.81
CA SER A 444 -18.64 -13.13 0.48
C SER A 444 -18.36 -13.56 -0.97
N SER A 445 -18.99 -14.64 -1.40
CA SER A 445 -18.90 -15.09 -2.80
C SER A 445 -19.48 -14.10 -3.82
N ALA A 446 -20.58 -13.45 -3.46
CA ALA A 446 -21.28 -12.55 -4.36
C ALA A 446 -20.68 -11.14 -4.41
N LEU A 447 -19.87 -10.76 -3.42
CA LEU A 447 -19.24 -9.44 -3.45
C LEU A 447 -18.13 -9.40 -4.49
N GLN A 448 -18.13 -8.35 -5.29
CA GLN A 448 -17.08 -8.09 -6.23
C GLN A 448 -15.93 -7.30 -5.59
N ALA A 449 -15.21 -8.00 -4.72
CA ALA A 449 -14.19 -7.37 -3.91
C ALA A 449 -13.02 -8.34 -3.73
N GLY A 450 -11.80 -7.83 -3.76
CA GLY A 450 -10.62 -8.66 -3.76
C GLY A 450 -10.39 -9.34 -2.43
N THR A 451 -10.61 -8.60 -1.34
CA THR A 451 -10.58 -9.21 -0.02
C THR A 451 -11.90 -8.99 0.68
N VAL A 452 -12.52 -10.09 1.11
CA VAL A 452 -13.74 -10.02 1.91
C VAL A 452 -13.46 -10.51 3.35
N TRP A 453 -13.69 -9.65 4.32
CA TRP A 453 -13.58 -10.01 5.73
C TRP A 453 -14.95 -10.41 6.30
N VAL A 454 -14.96 -11.49 7.09
CA VAL A 454 -16.16 -11.91 7.77
C VAL A 454 -15.94 -11.74 9.28
N ASN A 455 -16.81 -10.94 9.88
CA ASN A 455 -16.79 -10.65 11.33
C ASN A 455 -15.48 -9.98 11.78
N CYS A 456 -14.86 -9.31 10.81
CA CYS A 456 -13.69 -8.51 11.06
C CYS A 456 -13.50 -7.54 9.89
N TYR A 457 -12.44 -6.75 9.93
CA TYR A 457 -12.12 -5.78 8.89
C TYR A 457 -10.67 -5.39 9.01
N GLY A 458 -10.04 -5.15 7.86
CA GLY A 458 -8.67 -4.61 7.82
C GLY A 458 -7.55 -5.58 8.19
N VAL A 459 -7.85 -6.88 8.18
CA VAL A 459 -6.91 -7.95 8.54
C VAL A 459 -6.07 -8.37 7.32
N VAL A 460 -4.84 -7.89 7.33
CA VAL A 460 -3.96 -7.96 6.18
C VAL A 460 -2.64 -8.57 6.71
N SER A 461 -2.02 -9.43 5.94
CA SER A 461 -0.81 -10.12 6.38
C SER A 461 -0.07 -10.61 5.13
N ALA A 462 1.22 -10.85 5.29
CA ALA A 462 2.09 -11.30 4.22
C ALA A 462 1.66 -12.63 3.56
N GLN A 463 0.96 -13.50 4.31
CA GLN A 463 0.60 -14.80 3.86
C GLN A 463 -0.55 -14.73 2.85
N CYS A 464 -1.28 -13.61 2.86
CA CYS A 464 -2.53 -13.42 2.08
C CYS A 464 -2.33 -12.49 0.90
N PRO A 465 -2.73 -12.96 -0.30
CA PRO A 465 -2.61 -12.10 -1.44
C PRO A 465 -3.63 -10.98 -1.29
N PHE A 466 -3.31 -9.84 -1.87
CA PHE A 466 -4.08 -8.65 -1.71
C PHE A 466 -4.07 -7.79 -2.99
N GLY A 467 -5.25 -7.32 -3.36
CA GLY A 467 -5.43 -6.47 -4.53
C GLY A 467 -6.92 -6.32 -4.86
N GLY A 468 -7.22 -5.53 -5.88
CA GLY A 468 -8.62 -5.22 -6.16
C GLY A 468 -9.25 -5.91 -7.35
N PHE A 469 -10.59 -6.03 -7.28
CA PHE A 469 -11.41 -6.27 -8.47
C PHE A 469 -11.56 -4.91 -9.12
N LYS A 470 -11.87 -4.92 -10.39
CA LYS A 470 -12.29 -3.72 -11.12
C LYS A 470 -11.26 -2.60 -11.11
N MET A 471 -11.71 -1.36 -10.94
CA MET A 471 -10.80 -0.23 -11.01
C MET A 471 -10.04 0.00 -9.69
N SER A 472 -10.21 -0.91 -8.72
CA SER A 472 -9.37 -0.91 -7.51
C SER A 472 -7.94 -1.52 -7.68
N GLY A 473 -7.63 -2.06 -8.86
CA GLY A 473 -6.30 -2.63 -9.12
C GLY A 473 -6.22 -3.68 -10.23
N ASN A 474 -4.98 -3.92 -10.70
CA ASN A 474 -4.64 -5.07 -11.54
C ASN A 474 -3.55 -5.84 -10.79
N GLY A 475 -3.79 -7.12 -10.59
CA GLY A 475 -2.81 -8.01 -9.95
C GLY A 475 -3.02 -8.17 -8.46
N ARG A 476 -2.17 -9.03 -7.88
CA ARG A 476 -2.14 -9.26 -6.43
C ARG A 476 -0.72 -9.07 -5.89
N GLU A 477 -0.65 -8.61 -4.65
CA GLU A 477 0.62 -8.49 -3.94
C GLU A 477 0.63 -9.45 -2.77
N LEU A 478 1.81 -10.03 -2.53
CA LEU A 478 2.05 -10.92 -1.42
C LEU A 478 1.28 -12.23 -1.51
N GLY A 479 1.45 -13.07 -0.48
CA GLY A 479 1.05 -14.46 -0.55
C GLY A 479 1.84 -15.18 -1.62
N GLU A 480 1.55 -16.45 -1.81
CA GLU A 480 2.13 -17.24 -2.90
C GLU A 480 1.74 -16.63 -4.24
N TYR A 481 0.48 -16.20 -4.38
CA TYR A 481 -0.03 -15.76 -5.67
C TYR A 481 0.60 -14.47 -6.17
N GLY A 482 0.90 -13.55 -5.26
CA GLY A 482 1.45 -12.26 -5.63
C GLY A 482 2.86 -12.40 -6.15
N PHE A 483 3.51 -13.49 -5.76
CA PHE A 483 4.88 -13.70 -6.19
C PHE A 483 4.94 -13.96 -7.69
N HIS A 484 3.83 -14.42 -8.28
CA HIS A 484 3.78 -14.69 -9.73
C HIS A 484 4.07 -13.46 -10.55
N GLU A 485 3.66 -12.31 -10.09
CA GLU A 485 3.74 -11.11 -10.88
C GLU A 485 5.14 -10.48 -10.88
N TYR A 486 6.08 -11.09 -10.17
CA TYR A 486 7.48 -10.67 -10.27
C TYR A 486 8.33 -11.73 -10.98
N THR A 487 7.67 -12.66 -11.64
CA THR A 487 8.37 -13.64 -12.48
C THR A 487 7.95 -13.52 -13.95
N GLU A 488 8.82 -13.99 -14.83
CA GLU A 488 8.54 -14.11 -16.25
C GLU A 488 8.80 -15.56 -16.58
N VAL A 489 7.79 -16.23 -17.15
CA VAL A 489 7.90 -17.63 -17.42
C VAL A 489 8.49 -17.90 -18.81
N LYS A 490 9.50 -18.74 -18.81
CA LYS A 490 10.16 -19.19 -20.03
C LYS A 490 10.01 -20.70 -20.12
N THR A 491 9.53 -21.14 -21.27
CA THR A 491 9.41 -22.53 -21.56
C THR A 491 10.59 -22.95 -22.40
N VAL A 492 11.22 -24.05 -22.01
CA VAL A 492 12.30 -24.65 -22.76
C VAL A 492 11.86 -26.04 -23.19
N THR A 493 11.89 -26.24 -24.50
CA THR A 493 11.47 -27.49 -25.08
C THR A 493 12.59 -28.05 -25.90
N VAL A 494 13.05 -29.23 -25.47
CA VAL A 494 14.21 -29.95 -25.99
C VAL A 494 13.79 -31.21 -26.73
N LYS A 495 14.20 -31.31 -28.00
CA LYS A 495 13.97 -32.52 -28.79
C LYS A 495 14.76 -33.67 -28.19
N ILE A 496 14.11 -34.83 -28.03
CA ILE A 496 14.77 -36.04 -27.54
C ILE A 496 14.42 -37.23 -28.44
N SER A 497 15.24 -38.28 -28.38
CA SER A 497 15.04 -39.42 -29.26
C SER A 497 13.74 -40.15 -28.87
N GLN A 498 13.50 -40.27 -27.59
CA GLN A 498 12.28 -40.94 -27.08
C GLN A 498 12.03 -40.56 -25.64
N LYS A 499 10.79 -40.14 -25.35
CA LYS A 499 10.38 -39.82 -23.98
C LYS A 499 9.72 -41.03 -23.33
N ASN A 500 9.75 -41.02 -22.01
CA ASN A 500 9.14 -42.02 -21.22
C ASN A 500 8.50 -41.28 -20.06
N SER A 501 7.38 -41.80 -19.59
CA SER A 501 6.63 -41.12 -18.56
C SER A 501 7.45 -41.06 -17.25
YB YB B . -4.10 27.12 7.72
C2 6ZU C . -5.31 -0.64 7.46
C4 6ZU C . -3.95 -1.78 9.20
C5 6ZU C . -5.02 -1.64 10.08
C6 6ZU C . -6.22 -1.03 9.66
O17 6ZU C . -4.82 0.30 4.13
C8 6ZU C . -4.55 -0.21 5.23
O7 6ZU C . -5.48 -0.15 6.20
C9 6ZU C . -3.21 -0.83 5.51
C18 6ZU C . -2.17 -0.84 4.43
C19 6ZU C . -2.05 -2.11 3.64
C24 6ZU C . -3.09 -2.53 2.82
C23 6ZU C . -2.92 -3.71 2.09
C22 6ZU C . -1.73 -4.44 2.16
C21 6ZU C . -0.70 -4.00 2.97
C20 6ZU C . -0.86 -2.83 3.71
C10 6ZU C . -2.96 -1.39 6.87
C16 6ZU C . -1.63 -2.04 7.20
C3 6ZU C . -4.04 -1.31 7.88
C1 6ZU C . -6.35 -0.53 8.37
O11 6ZU C . -7.28 -0.85 10.51
S12 6ZU C . -8.50 -1.77 10.65
O13 6ZU C . -9.28 -1.31 11.78
O14 6ZU C . -8.01 -3.12 10.98
C15 6ZU C . -9.21 -1.63 9.17
CL CL D . 5.01 -23.06 -15.47
#